data_1SP0
#
_entry.id   1SP0
#
_entity_poly.entity_id   1
_entity_poly.type   'polypeptide(L)'
_entity_poly.pdbx_seq_one_letter_code
;MVPLYDMFCRVTGYNGTTQRVEQASDLILDEKIKVTFDANVAAGLPWEFVPVQRDIDVRIGETVQIMYRAKNLASTPTTG
QATFNVTPMAAGAYFNKVQCFCFTETTLEPGEEMEMPVVFFVDPEIVKPVETQGIKTLTLSYTFYPREPSKPVAQVKAKA
ENKL
;
_entity_poly.pdbx_strand_id   A
#
# COMPACT_ATOMS: atom_id res chain seq x y z
N VAL A 21 0.12 -15.89 8.38
CA VAL A 21 0.26 -15.18 9.65
C VAL A 21 1.56 -14.37 9.60
N GLU A 22 1.50 -13.27 8.85
CA GLU A 22 2.63 -12.45 8.42
C GLU A 22 3.82 -13.33 8.02
N GLN A 23 3.49 -14.37 7.27
CA GLN A 23 4.28 -15.45 6.73
C GLN A 23 3.25 -16.39 6.12
N ALA A 24 3.64 -17.26 5.19
CA ALA A 24 2.66 -17.96 4.37
C ALA A 24 3.19 -19.26 3.78
N SER A 25 4.20 -19.91 4.36
CA SER A 25 4.87 -21.04 3.70
C SER A 25 4.07 -22.36 3.72
N ASP A 26 2.85 -22.31 4.25
CA ASP A 26 1.81 -23.31 4.01
C ASP A 26 1.19 -23.08 2.63
N LEU A 27 1.06 -21.80 2.28
CA LEU A 27 0.37 -21.26 1.12
C LEU A 27 1.30 -20.74 0.03
N ILE A 28 2.62 -20.64 0.24
CA ILE A 28 3.56 -20.29 -0.82
C ILE A 28 3.65 -21.46 -1.81
N LEU A 29 2.67 -21.51 -2.71
CA LEU A 29 2.73 -22.27 -3.94
C LEU A 29 3.34 -21.36 -5.01
N ASP A 30 3.57 -21.87 -6.23
CA ASP A 30 4.60 -21.29 -7.08
C ASP A 30 4.22 -19.97 -7.78
N GLU A 31 2.93 -19.62 -7.89
CA GLU A 31 2.49 -18.43 -8.61
C GLU A 31 3.22 -17.17 -8.15
N LYS A 32 4.19 -16.77 -8.99
CA LYS A 32 4.93 -15.56 -8.87
C LYS A 32 4.01 -14.45 -9.37
N ILE A 33 3.20 -13.95 -8.45
CA ILE A 33 2.07 -13.09 -8.76
C ILE A 33 2.52 -11.63 -8.62
N LYS A 34 2.33 -10.85 -9.68
CA LYS A 34 2.79 -9.48 -9.78
C LYS A 34 1.84 -8.57 -9.00
N VAL A 35 2.33 -7.49 -8.39
CA VAL A 35 1.48 -6.54 -7.68
C VAL A 35 1.95 -5.16 -8.04
N THR A 36 1.02 -4.22 -8.08
CA THR A 36 1.18 -2.90 -8.66
C THR A 36 0.64 -1.90 -7.66
N PHE A 37 1.55 -1.35 -6.86
CA PHE A 37 1.24 -0.42 -5.79
C PHE A 37 1.00 0.96 -6.37
N ASP A 38 -0.27 1.32 -6.59
CA ASP A 38 -0.54 2.57 -7.26
C ASP A 38 -0.56 3.72 -6.24
N ALA A 39 0.63 4.25 -5.94
CA ALA A 39 0.74 5.43 -5.09
C ALA A 39 0.44 6.71 -5.88
N ASN A 40 -0.46 7.56 -5.39
CA ASN A 40 -0.80 8.86 -5.96
C ASN A 40 -0.81 9.91 -4.85
N VAL A 41 -0.59 11.17 -5.22
CA VAL A 41 -0.56 12.30 -4.31
C VAL A 41 -1.07 13.55 -5.01
N ALA A 42 -1.69 14.46 -4.26
CA ALA A 42 -2.15 15.76 -4.73
C ALA A 42 -2.05 16.76 -3.57
N ALA A 43 -2.35 18.03 -3.85
CA ALA A 43 -2.25 19.17 -2.94
C ALA A 43 -2.58 18.83 -1.49
N GLY A 44 -3.73 18.20 -1.29
CA GLY A 44 -4.27 17.81 0.01
C GLY A 44 -3.25 17.09 0.92
N LEU A 45 -2.26 16.40 0.35
CA LEU A 45 -1.10 15.94 1.11
C LEU A 45 0.17 16.41 0.40
N PRO A 46 0.77 17.53 0.83
CA PRO A 46 1.92 18.13 0.17
C PRO A 46 3.21 17.41 0.61
N TRP A 47 3.18 16.08 0.64
CA TRP A 47 4.24 15.24 1.18
C TRP A 47 4.84 14.43 0.04
N GLU A 48 6.16 14.23 0.05
CA GLU A 48 6.85 13.51 -1.00
C GLU A 48 6.59 12.03 -0.75
N PHE A 49 5.42 11.56 -1.17
CA PHE A 49 4.95 10.21 -0.93
C PHE A 49 5.56 9.30 -1.98
N VAL A 50 6.75 8.76 -1.69
CA VAL A 50 7.46 7.94 -2.66
C VAL A 50 6.96 6.50 -2.58
N PRO A 51 6.54 5.88 -3.70
CA PRO A 51 6.49 4.44 -3.78
C PRO A 51 7.93 3.93 -3.83
N VAL A 52 8.16 2.69 -3.37
CA VAL A 52 9.48 2.09 -3.39
C VAL A 52 9.79 1.58 -4.80
N GLN A 53 8.88 0.78 -5.33
CA GLN A 53 8.78 0.44 -6.73
C GLN A 53 7.32 0.67 -7.09
N ARG A 54 7.01 0.84 -8.37
CA ARG A 54 5.63 0.84 -8.83
C ARG A 54 4.99 -0.51 -8.46
N ASP A 55 5.75 -1.59 -8.61
CA ASP A 55 5.28 -2.95 -8.65
C ASP A 55 6.34 -3.90 -8.12
N ILE A 56 5.90 -5.12 -7.83
CA ILE A 56 6.67 -6.24 -7.31
C ILE A 56 6.12 -7.52 -7.93
N ASP A 57 6.71 -8.67 -7.58
CA ASP A 57 6.00 -9.93 -7.55
C ASP A 57 6.24 -10.60 -6.19
N VAL A 58 5.35 -11.51 -5.82
CA VAL A 58 5.44 -12.37 -4.63
C VAL A 58 5.08 -13.80 -5.07
N ARG A 59 5.75 -14.83 -4.55
CA ARG A 59 5.29 -16.21 -4.72
C ARG A 59 4.11 -16.36 -3.77
N ILE A 60 2.88 -16.10 -4.27
CA ILE A 60 1.61 -16.07 -3.54
C ILE A 60 1.72 -16.35 -2.03
N GLY A 61 2.30 -15.42 -1.28
CA GLY A 61 2.54 -15.61 0.14
C GLY A 61 3.88 -15.05 0.61
N GLU A 62 4.88 -15.07 -0.28
CA GLU A 62 6.22 -14.56 -0.05
C GLU A 62 6.19 -13.18 0.62
N THR A 63 6.48 -13.15 1.92
CA THR A 63 6.50 -11.94 2.73
C THR A 63 7.64 -11.03 2.32
N VAL A 64 7.36 -10.09 1.41
CA VAL A 64 8.35 -9.08 1.02
C VAL A 64 8.10 -7.79 1.79
N GLN A 65 9.20 -7.18 2.20
CA GLN A 65 9.24 -5.87 2.83
C GLN A 65 9.26 -4.82 1.72
N ILE A 66 8.24 -3.95 1.71
CA ILE A 66 8.22 -2.75 0.90
C ILE A 66 7.97 -1.57 1.84
N MET A 67 8.94 -0.67 1.91
CA MET A 67 8.80 0.56 2.69
C MET A 67 7.88 1.54 1.96
N TYR A 68 7.45 2.59 2.67
CA TYR A 68 6.93 3.82 2.10
C TYR A 68 7.56 4.98 2.86
N ARG A 69 7.68 6.13 2.20
CA ARG A 69 8.31 7.33 2.73
C ARG A 69 7.52 8.56 2.27
N ALA A 70 7.45 9.57 3.15
CA ALA A 70 6.77 10.83 2.99
C ALA A 70 7.57 11.93 3.69
N LYS A 71 8.27 12.77 2.90
CA LYS A 71 8.84 14.01 3.44
C LYS A 71 7.72 15.05 3.49
N ASN A 72 7.46 15.72 4.61
CA ASN A 72 6.46 16.79 4.61
C ASN A 72 7.04 18.06 4.00
N LEU A 73 6.60 18.42 2.79
CA LEU A 73 7.05 19.61 2.08
C LEU A 73 6.05 20.76 2.17
N ALA A 74 5.17 20.77 3.17
CA ALA A 74 4.52 22.01 3.57
C ALA A 74 5.49 22.79 4.44
N SER A 75 5.28 24.11 4.49
CA SER A 75 6.02 25.01 5.37
C SER A 75 5.19 25.30 6.62
N THR A 76 4.22 24.43 6.89
CA THR A 76 3.35 24.40 8.04
C THR A 76 3.13 22.90 8.33
N PRO A 77 2.66 22.52 9.52
CA PRO A 77 2.31 21.13 9.76
C PRO A 77 1.13 20.74 8.86
N THR A 78 1.05 19.47 8.45
CA THR A 78 -0.17 18.93 7.86
C THR A 78 -0.68 17.76 8.68
N THR A 79 -1.91 17.35 8.38
CA THR A 79 -2.43 16.05 8.69
C THR A 79 -2.20 15.18 7.46
N GLY A 80 -2.42 13.89 7.61
CA GLY A 80 -2.58 12.95 6.54
C GLY A 80 -3.54 11.90 7.10
N GLN A 81 -4.35 11.33 6.21
CA GLN A 81 -5.55 10.59 6.55
C GLN A 81 -6.06 10.07 5.21
N ALA A 82 -5.16 9.47 4.45
CA ALA A 82 -5.32 9.38 3.01
C ALA A 82 -6.20 8.20 2.64
N THR A 83 -7.05 8.42 1.64
CA THR A 83 -7.96 7.42 1.14
C THR A 83 -7.27 6.50 0.12
N PHE A 84 -7.86 5.33 -0.10
CA PHE A 84 -7.39 4.36 -1.08
C PHE A 84 -8.56 3.63 -1.72
N ASN A 85 -8.24 2.81 -2.73
CA ASN A 85 -9.04 1.71 -3.23
C ASN A 85 -8.11 0.50 -3.21
N VAL A 86 -8.31 -0.41 -2.26
CA VAL A 86 -7.45 -1.57 -2.05
C VAL A 86 -7.93 -2.73 -2.92
N THR A 87 -7.87 -2.64 -4.26
CA THR A 87 -8.28 -3.74 -5.13
C THR A 87 -7.99 -3.43 -6.60
N PRO A 88 -7.66 -4.45 -7.42
CA PRO A 88 -7.81 -4.33 -8.86
C PRO A 88 -9.28 -4.14 -9.23
N MET A 89 -10.17 -4.85 -8.53
CA MET A 89 -11.62 -4.85 -8.68
C MET A 89 -12.19 -5.93 -7.76
N ALA A 90 -12.03 -7.19 -8.13
CA ALA A 90 -12.65 -8.31 -7.43
C ALA A 90 -11.99 -8.61 -6.09
N ALA A 91 -10.65 -8.50 -6.05
CA ALA A 91 -9.87 -9.04 -4.96
C ALA A 91 -9.90 -8.10 -3.75
N GLY A 92 -8.75 -7.51 -3.40
CA GLY A 92 -8.66 -6.61 -2.26
C GLY A 92 -8.70 -7.33 -0.92
N ALA A 93 -9.74 -8.12 -0.67
CA ALA A 93 -9.83 -9.00 0.48
C ALA A 93 -8.51 -9.77 0.63
N TYR A 94 -8.08 -10.38 -0.46
CA TYR A 94 -6.87 -11.17 -0.59
C TYR A 94 -5.58 -10.34 -0.59
N PHE A 95 -5.64 -9.03 -0.29
CA PHE A 95 -4.49 -8.14 -0.23
C PHE A 95 -3.87 -8.25 1.16
N ASN A 96 -2.90 -9.13 1.35
CA ASN A 96 -2.30 -9.28 2.67
C ASN A 96 -1.25 -8.21 2.91
N LYS A 97 -1.71 -7.01 3.25
CA LYS A 97 -0.95 -6.07 4.05
C LYS A 97 -1.05 -6.47 5.53
N VAL A 98 -0.24 -5.87 6.40
CA VAL A 98 -0.36 -6.08 7.84
C VAL A 98 -1.70 -5.50 8.34
N GLN A 99 -2.33 -6.17 9.31
CA GLN A 99 -3.57 -5.71 9.90
C GLN A 99 -3.29 -4.65 10.98
N CYS A 100 -4.21 -4.46 11.93
CA CYS A 100 -4.04 -3.55 13.05
C CYS A 100 -3.67 -2.13 12.61
N PHE A 101 -4.42 -1.60 11.64
CA PHE A 101 -4.51 -0.16 11.33
C PHE A 101 -3.29 0.48 10.64
N CYS A 102 -2.07 0.04 10.99
CA CYS A 102 -0.87 0.87 11.19
C CYS A 102 -0.29 1.72 10.05
N PHE A 103 -1.01 2.00 8.97
CA PHE A 103 -0.59 3.00 7.98
C PHE A 103 -0.61 4.38 8.65
N THR A 104 0.49 4.74 9.32
CA THR A 104 0.57 5.91 10.17
C THR A 104 1.22 7.08 9.42
N GLU A 105 0.45 7.81 8.59
CA GLU A 105 0.90 9.07 8.03
C GLU A 105 0.44 10.22 8.95
N THR A 106 -0.84 10.18 9.36
CA THR A 106 -1.45 10.91 10.47
C THR A 106 -1.25 12.43 10.50
N THR A 107 -0.05 12.89 10.84
CA THR A 107 0.32 14.29 10.94
C THR A 107 1.84 14.40 10.85
N LEU A 108 2.34 15.50 10.28
CA LEU A 108 3.77 15.81 10.28
C LEU A 108 3.96 17.32 10.36
N GLU A 109 5.07 17.73 10.98
CA GLU A 109 5.52 19.11 11.06
C GLU A 109 6.38 19.43 9.82
N PRO A 110 6.61 20.72 9.50
CA PRO A 110 7.11 21.09 8.18
C PRO A 110 8.58 20.72 8.02
N GLY A 111 8.85 19.68 7.23
CA GLY A 111 10.18 19.18 6.96
C GLY A 111 10.37 17.77 7.47
N GLU A 112 9.37 17.22 8.18
CA GLU A 112 9.59 15.95 8.85
C GLU A 112 9.51 14.79 7.86
N GLU A 113 10.42 13.81 8.02
CA GLU A 113 10.51 12.63 7.19
C GLU A 113 9.81 11.46 7.89
N MET A 114 8.60 11.12 7.42
CA MET A 114 7.95 9.88 7.74
C MET A 114 8.55 8.84 6.82
N GLU A 115 8.91 7.68 7.36
CA GLU A 115 9.07 6.47 6.59
C GLU A 115 8.71 5.28 7.48
N MET A 116 8.17 4.21 6.86
CA MET A 116 7.80 2.99 7.56
C MET A 116 7.98 1.81 6.61
N PRO A 117 8.39 0.63 7.13
CA PRO A 117 8.26 -0.62 6.42
C PRO A 117 6.80 -1.06 6.43
N VAL A 118 6.37 -1.67 5.34
CA VAL A 118 5.22 -2.55 5.27
C VAL A 118 5.78 -3.90 4.84
N VAL A 119 5.19 -5.00 5.30
CA VAL A 119 5.44 -6.33 4.75
C VAL A 119 4.15 -6.78 4.07
N PHE A 120 4.27 -7.45 2.92
CA PHE A 120 3.15 -7.64 2.01
C PHE A 120 3.24 -9.00 1.33
N PHE A 121 2.07 -9.60 1.03
CA PHE A 121 1.92 -10.64 0.03
C PHE A 121 0.48 -10.71 -0.48
N VAL A 122 0.25 -11.47 -1.57
CA VAL A 122 -1.07 -11.77 -2.08
C VAL A 122 -1.55 -13.06 -1.42
N ASP A 123 -2.82 -13.15 -1.01
CA ASP A 123 -3.37 -14.40 -0.52
C ASP A 123 -3.70 -15.33 -1.69
N PRO A 124 -3.18 -16.56 -1.73
CA PRO A 124 -3.59 -17.53 -2.73
C PRO A 124 -5.07 -17.89 -2.61
N GLU A 125 -5.77 -17.53 -1.54
CA GLU A 125 -7.22 -17.61 -1.54
C GLU A 125 -7.84 -16.79 -2.69
N ILE A 126 -7.09 -15.86 -3.31
CA ILE A 126 -7.51 -15.27 -4.57
C ILE A 126 -7.83 -16.34 -5.62
N VAL A 127 -7.02 -17.39 -5.75
CA VAL A 127 -7.33 -18.50 -6.65
C VAL A 127 -8.23 -19.52 -5.94
N LYS A 128 -9.40 -19.05 -5.50
CA LYS A 128 -10.50 -19.90 -5.04
C LYS A 128 -11.87 -19.41 -5.57
N PRO A 129 -12.40 -18.24 -5.20
CA PRO A 129 -13.80 -17.90 -5.47
C PRO A 129 -14.04 -17.44 -6.90
N VAL A 130 -15.30 -17.58 -7.33
CA VAL A 130 -15.81 -17.12 -8.63
C VAL A 130 -15.56 -15.62 -8.80
N GLU A 131 -15.63 -14.86 -7.70
CA GLU A 131 -15.29 -13.45 -7.62
C GLU A 131 -14.12 -13.08 -8.52
N THR A 132 -13.00 -13.76 -8.30
CA THR A 132 -11.71 -13.36 -8.79
C THR A 132 -11.37 -14.21 -10.01
N GLN A 133 -11.35 -15.53 -9.79
CA GLN A 133 -11.18 -16.61 -10.76
C GLN A 133 -10.44 -16.23 -12.06
N GLY A 134 -9.28 -15.58 -11.94
CA GLY A 134 -8.62 -14.96 -13.09
C GLY A 134 -7.88 -13.69 -12.67
N ILE A 135 -8.45 -12.92 -11.76
CA ILE A 135 -7.75 -11.78 -11.15
C ILE A 135 -6.45 -12.25 -10.52
N LYS A 136 -5.34 -11.74 -11.06
CA LYS A 136 -4.05 -11.83 -10.42
C LYS A 136 -3.11 -10.73 -10.91
N THR A 137 -3.43 -9.48 -10.55
CA THR A 137 -2.43 -8.47 -10.32
C THR A 137 -3.03 -7.58 -9.25
N LEU A 138 -2.51 -7.69 -8.03
CA LEU A 138 -3.11 -6.95 -6.93
C LEU A 138 -2.64 -5.51 -7.02
N THR A 139 -3.51 -4.57 -6.65
CA THR A 139 -3.17 -3.17 -6.59
C THR A 139 -3.92 -2.54 -5.44
N LEU A 140 -3.29 -1.53 -4.86
CA LEU A 140 -3.86 -0.62 -3.91
C LEU A 140 -3.62 0.74 -4.56
N SER A 141 -4.69 1.42 -4.95
CA SER A 141 -4.63 2.78 -5.45
C SER A 141 -4.72 3.68 -4.22
N TYR A 142 -3.61 4.32 -3.84
CA TYR A 142 -3.50 5.17 -2.67
C TYR A 142 -3.55 6.62 -3.16
N THR A 143 -4.43 7.45 -2.60
CA THR A 143 -4.61 8.84 -3.01
C THR A 143 -4.34 9.78 -1.84
N PHE A 144 -3.08 10.24 -1.72
CA PHE A 144 -2.69 11.27 -0.78
C PHE A 144 -3.31 12.62 -1.20
N TYR A 145 -4.57 12.86 -0.83
CA TYR A 145 -5.27 14.12 -1.14
C TYR A 145 -6.26 14.67 -0.08
N PRO A 146 -5.97 14.64 1.23
CA PRO A 146 -6.89 15.13 2.25
C PRO A 146 -6.99 16.66 2.30
N ARG A 147 -6.10 17.35 3.01
CA ARG A 147 -6.19 18.79 3.19
C ARG A 147 -4.82 19.39 3.53
N GLU A 148 -4.37 20.40 2.78
CA GLU A 148 -3.27 21.26 3.21
C GLU A 148 -3.85 22.54 3.81
N PRO A 149 -3.22 23.13 4.83
CA PRO A 149 -3.50 24.50 5.21
C PRO A 149 -2.86 25.41 4.16
N SER A 150 -1.53 25.32 3.97
CA SER A 150 -0.78 25.95 2.90
C SER A 150 0.64 25.33 2.85
N LYS A 151 1.05 24.81 1.69
CA LYS A 151 2.46 24.54 1.35
C LYS A 151 3.06 25.68 0.49
#